data_5A6P
#
_entry.id   5A6P
#
_cell.length_a   54.650
_cell.length_b   54.650
_cell.length_c   235.220
_cell.angle_alpha   90.00
_cell.angle_beta   90.00
_cell.angle_gamma   120.00
#
_symmetry.space_group_name_H-M   'P 65 2 2'
#
loop_
_entity.id
_entity.type
_entity.pdbx_description
1 polymer 'RESISTANCE PROTEIN PIKP-1'
2 water water
#
_entity_poly.entity_id   1
_entity_poly.type   'polypeptide(L)'
_entity_poly.pdbx_seq_one_letter_code
;GPGLKQKIVIKVAMEGNNCRSKAMALVASTGGVDSVALVGDLRDKIEVVGYGIDPIKLISALRKKVGDAELLQVS
;
_entity_poly.pdbx_strand_id   A,B
#
# COMPACT_ATOMS: atom_id res chain seq x y z
N GLY A 3 0.93 10.87 -20.14
CA GLY A 3 1.28 9.78 -19.23
C GLY A 3 0.27 9.87 -18.12
N LEU A 4 -0.90 9.31 -18.39
CA LEU A 4 -2.09 9.60 -17.63
C LEU A 4 -2.16 8.70 -16.37
N LYS A 5 -3.08 9.08 -15.52
CA LYS A 5 -3.27 8.42 -14.27
C LYS A 5 -3.97 7.08 -14.58
N GLN A 6 -3.43 6.02 -14.02
CA GLN A 6 -3.87 4.66 -14.28
C GLN A 6 -4.66 4.20 -13.10
N LYS A 7 -5.67 3.39 -13.36
CA LYS A 7 -6.30 2.60 -12.31
C LYS A 7 -6.28 1.14 -12.78
N ILE A 8 -5.69 0.30 -11.93
CA ILE A 8 -5.50 -1.11 -12.20
C ILE A 8 -6.10 -1.90 -11.05
N VAL A 9 -6.97 -2.84 -11.36
CA VAL A 9 -7.51 -3.76 -10.35
C VAL A 9 -7.08 -5.18 -10.59
N ILE A 10 -6.46 -5.76 -9.57
CA ILE A 10 -5.95 -7.11 -9.65
C ILE A 10 -6.70 -7.98 -8.66
N LYS A 11 -7.06 -9.20 -9.09
CA LYS A 11 -7.59 -10.22 -8.19
C LYS A 11 -6.44 -11.14 -7.80
N VAL A 12 -6.32 -11.39 -6.51
CA VAL A 12 -5.24 -12.17 -5.96
C VAL A 12 -5.93 -13.28 -5.14
N ALA A 13 -5.44 -14.50 -5.29
CA ALA A 13 -5.91 -15.65 -4.47
C ALA A 13 -5.31 -15.44 -3.08
N MET A 14 -6.19 -15.27 -2.08
CA MET A 14 -5.78 -14.81 -0.72
C MET A 14 -5.63 -15.97 0.29
N GLU A 15 -4.68 -16.88 0.03
CA GLU A 15 -4.64 -18.17 0.71
C GLU A 15 -3.37 -18.50 1.54
N GLY A 16 -2.20 -17.97 1.19
CA GLY A 16 -0.95 -18.26 1.92
C GLY A 16 -0.95 -17.83 3.38
N ASN A 18 -2.40 -11.81 5.67
CA ASN A 18 -1.00 -12.20 5.47
C ASN A 18 -0.60 -12.48 4.02
N CYS A 19 -1.36 -13.30 3.30
CA CYS A 19 -1.21 -13.35 1.85
C CYS A 19 -1.66 -11.99 1.28
N ARG A 20 -2.74 -11.46 1.86
CA ARG A 20 -3.16 -10.06 1.69
C ARG A 20 -2.03 -9.09 1.92
N SER A 21 -1.36 -9.23 3.05
CA SER A 21 -0.31 -8.29 3.46
C SER A 21 0.86 -8.30 2.52
N LYS A 22 1.25 -9.50 2.11
CA LYS A 22 2.30 -9.67 1.12
C LYS A 22 1.98 -9.08 -0.23
N ALA A 23 0.78 -9.32 -0.73
CA ALA A 23 0.37 -8.76 -1.99
C ALA A 23 0.39 -7.22 -1.88
N MET A 24 -0.25 -6.70 -0.84
CA MET A 24 -0.33 -5.23 -0.60
C MET A 24 1.05 -4.61 -0.57
N ALA A 25 1.97 -5.28 0.10
CA ALA A 25 3.34 -4.80 0.23
C ALA A 25 4.10 -4.84 -1.09
N LEU A 26 3.94 -5.93 -1.83
CA LEU A 26 4.58 -5.97 -3.16
C LEU A 26 4.01 -4.92 -4.08
N VAL A 27 2.69 -4.82 -4.17
CA VAL A 27 2.11 -3.85 -5.09
C VAL A 27 2.54 -2.42 -4.72
N ALA A 28 2.44 -2.08 -3.43
CA ALA A 28 2.76 -0.74 -2.90
C ALA A 28 4.19 -0.37 -3.14
N SER A 29 5.07 -1.33 -3.16
CA SER A 29 6.46 -1.07 -3.41
C SER A 29 6.80 -0.98 -4.94
N THR A 30 5.83 -1.18 -5.83
CA THR A 30 6.13 -1.22 -7.28
C THR A 30 6.28 0.18 -7.88
N GLY A 31 7.17 0.32 -8.86
CA GLY A 31 7.41 1.61 -9.49
C GLY A 31 6.17 2.20 -10.12
N GLY A 32 6.02 3.51 -9.90
CA GLY A 32 4.88 4.32 -10.39
C GLY A 32 3.62 4.32 -9.55
N VAL A 33 3.59 3.48 -8.54
CA VAL A 33 2.40 3.29 -7.71
C VAL A 33 2.24 4.43 -6.72
N ASP A 34 1.13 5.14 -6.77
CA ASP A 34 0.81 6.17 -5.82
C ASP A 34 -0.10 5.67 -4.65
N SER A 35 -1.00 4.74 -4.92
CA SER A 35 -1.88 4.19 -3.89
C SER A 35 -2.25 2.76 -4.17
N VAL A 36 -2.53 2.07 -3.09
CA VAL A 36 -3.10 0.73 -3.09
C VAL A 36 -4.29 0.71 -2.18
N ALA A 37 -5.32 -0.04 -2.54
CA ALA A 37 -6.47 -0.24 -1.67
C ALA A 37 -7.04 -1.63 -1.85
N LEU A 38 -7.36 -2.29 -0.74
CA LEU A 38 -8.10 -3.54 -0.79
C LEU A 38 -9.56 -3.26 -0.98
N VAL A 39 -10.17 -3.91 -1.97
CA VAL A 39 -11.55 -3.67 -2.35
C VAL A 39 -12.29 -5.02 -2.59
N GLY A 40 -13.62 -4.95 -2.60
CA GLY A 40 -14.47 -6.12 -2.88
C GLY A 40 -15.04 -6.57 -1.55
N ASP A 41 -16.21 -7.19 -1.62
CA ASP A 41 -16.90 -7.73 -0.47
C ASP A 41 -16.00 -8.70 0.27
N LEU A 42 -15.11 -9.36 -0.46
CA LEU A 42 -14.27 -10.39 0.08
C LEU A 42 -12.86 -9.90 0.23
N ARG A 43 -12.62 -8.59 0.02
CA ARG A 43 -11.30 -8.01 0.14
C ARG A 43 -10.27 -8.82 -0.57
N ASP A 44 -10.60 -9.22 -1.78
CA ASP A 44 -9.66 -10.03 -2.52
C ASP A 44 -9.10 -9.36 -3.78
N LYS A 45 -9.36 -8.07 -3.92
CA LYS A 45 -8.88 -7.34 -5.05
C LYS A 45 -8.09 -6.17 -4.52
N ILE A 46 -7.05 -5.80 -5.26
CA ILE A 46 -6.25 -4.62 -5.02
C ILE A 46 -6.41 -3.65 -6.15
N GLU A 47 -6.83 -2.46 -5.80
CA GLU A 47 -6.90 -1.32 -6.66
C GLU A 47 -5.64 -0.47 -6.50
N VAL A 48 -4.97 -0.31 -7.65
CA VAL A 48 -3.69 0.35 -7.75
C VAL A 48 -3.83 1.63 -8.60
N VAL A 49 -3.35 2.76 -8.08
CA VAL A 49 -3.40 4.00 -8.82
C VAL A 49 -1.98 4.52 -8.87
N GLY A 50 -1.61 5.05 -10.04
CA GLY A 50 -0.30 5.63 -10.22
C GLY A 50 -0.08 6.13 -11.63
N TYR A 51 1.20 6.21 -12.01
CA TYR A 51 1.67 6.80 -13.29
C TYR A 51 2.85 5.94 -13.75
N GLY A 52 2.80 5.45 -14.98
CA GLY A 52 3.88 4.63 -15.53
C GLY A 52 3.96 3.25 -14.88
N ILE A 53 2.87 2.73 -14.35
CA ILE A 53 2.90 1.39 -13.81
C ILE A 53 2.87 0.42 -14.98
N ASP A 54 3.72 -0.61 -14.97
CA ASP A 54 3.71 -1.67 -15.97
C ASP A 54 2.92 -2.88 -15.46
N PRO A 55 1.67 -3.07 -15.97
CA PRO A 55 0.79 -4.08 -15.40
C PRO A 55 1.25 -5.50 -15.67
N ILE A 56 1.94 -5.70 -16.77
CA ILE A 56 2.46 -7.01 -17.14
C ILE A 56 3.51 -7.44 -16.12
N LYS A 57 4.48 -6.58 -15.84
CA LYS A 57 5.49 -6.93 -14.80
C LYS A 57 4.91 -7.06 -13.44
N LEU A 58 3.95 -6.22 -13.12
CA LEU A 58 3.32 -6.32 -11.79
C LEU A 58 2.70 -7.70 -11.59
N ILE A 59 1.89 -8.11 -12.57
CA ILE A 59 1.22 -9.40 -12.49
C ILE A 59 2.18 -10.58 -12.35
N SER A 60 3.25 -10.58 -13.12
CA SER A 60 4.15 -11.72 -13.05
C SER A 60 4.93 -11.69 -11.74
N ALA A 61 5.26 -10.50 -11.24
CA ALA A 61 5.88 -10.40 -9.94
C ALA A 61 4.99 -11.00 -8.83
N LEU A 62 3.70 -10.68 -8.87
CA LEU A 62 2.77 -11.29 -7.94
C LEU A 62 2.73 -12.81 -8.05
N ARG A 63 2.66 -13.31 -9.28
CA ARG A 63 2.50 -14.74 -9.46
C ARG A 63 3.72 -15.51 -8.96
N LYS A 64 4.90 -14.94 -9.23
CA LYS A 64 6.14 -15.47 -8.72
C LYS A 64 6.19 -15.49 -7.17
N LYS A 65 5.91 -14.34 -6.55
CA LYS A 65 6.24 -14.13 -5.15
C LYS A 65 5.07 -14.44 -4.22
N VAL A 66 3.86 -14.23 -4.66
CA VAL A 66 2.73 -14.27 -3.72
C VAL A 66 1.75 -15.37 -4.03
N GLY A 67 1.34 -15.47 -5.30
CA GLY A 67 0.37 -16.47 -5.72
C GLY A 67 -0.44 -16.02 -6.93
N ASP A 68 -1.48 -16.77 -7.24
CA ASP A 68 -2.30 -16.53 -8.43
C ASP A 68 -2.90 -15.15 -8.46
N ALA A 69 -2.75 -14.48 -9.60
CA ALA A 69 -3.21 -13.09 -9.72
C ALA A 69 -3.60 -12.84 -11.17
N GLU A 70 -4.65 -12.06 -11.39
CA GLU A 70 -5.09 -11.76 -12.75
C GLU A 70 -5.56 -10.33 -12.77
N LEU A 71 -5.41 -9.73 -13.94
CA LEU A 71 -5.88 -8.36 -14.14
C LEU A 71 -7.37 -8.40 -14.24
N LEU A 72 -8.10 -7.56 -13.52
CA LEU A 72 -9.54 -7.46 -13.74
C LEU A 72 -9.97 -6.21 -14.46
N GLN A 73 -9.24 -5.12 -14.23
CA GLN A 73 -9.56 -3.80 -14.78
C GLN A 73 -8.31 -2.99 -14.97
N VAL A 74 -8.27 -2.30 -16.10
CA VAL A 74 -7.22 -1.35 -16.40
C VAL A 74 -7.98 -0.20 -17.03
N SER A 75 -7.75 0.99 -16.51
CA SER A 75 -8.30 2.21 -17.11
C SER A 75 -7.33 3.33 -16.92
N GLY B 1 -13.26 -6.48 16.21
CA GLY B 1 -13.93 -6.36 14.88
C GLY B 1 -15.04 -5.31 14.71
N PRO B 2 -14.92 -4.48 13.66
CA PRO B 2 -13.78 -4.53 12.75
C PRO B 2 -12.56 -3.82 13.41
N GLY B 3 -12.78 -3.21 14.58
CA GLY B 3 -11.75 -2.35 15.19
C GLY B 3 -12.01 -0.94 14.75
N LEU B 4 -11.35 0.01 15.42
CA LEU B 4 -11.54 1.40 15.10
C LEU B 4 -11.03 1.79 13.70
N LYS B 5 -11.89 2.42 12.92
CA LYS B 5 -11.57 2.92 11.63
C LYS B 5 -10.86 4.28 11.77
N GLN B 6 -9.66 4.42 11.21
CA GLN B 6 -8.91 5.65 11.24
C GLN B 6 -8.27 5.96 9.91
N LYS B 7 -8.11 7.26 9.67
CA LYS B 7 -7.29 7.79 8.62
C LYS B 7 -6.15 8.55 9.25
N ILE B 8 -4.93 8.20 8.85
CA ILE B 8 -3.71 8.62 9.50
C ILE B 8 -2.80 9.16 8.40
N VAL B 9 -2.20 10.32 8.65
CA VAL B 9 -1.21 10.94 7.73
C VAL B 9 0.11 11.02 8.45
N ILE B 10 1.09 10.41 7.84
CA ILE B 10 2.41 10.36 8.39
C ILE B 10 3.38 11.06 7.47
N LYS B 11 4.25 11.88 8.04
CA LYS B 11 5.38 12.41 7.31
C LYS B 11 6.60 11.53 7.53
N VAL B 12 7.27 11.13 6.48
CA VAL B 12 8.40 10.25 6.59
C VAL B 12 9.57 10.89 5.80
N ALA B 13 10.78 10.77 6.33
CA ALA B 13 11.99 11.20 5.59
C ALA B 13 12.38 10.06 4.67
N MET B 14 11.98 10.18 3.41
CA MET B 14 12.21 9.14 2.42
C MET B 14 12.60 9.71 1.05
N GLU B 15 13.82 10.24 0.95
CA GLU B 15 14.32 10.85 -0.29
C GLU B 15 15.01 9.77 -1.14
N GLY B 16 15.91 9.00 -0.54
CA GLY B 16 16.57 7.86 -1.20
C GLY B 16 15.78 7.10 -2.26
N ASN B 18 13.42 4.69 -4.06
CA ASN B 18 13.59 3.40 -3.41
C ASN B 18 13.20 3.49 -1.95
N CYS B 19 13.54 4.59 -1.30
CA CYS B 19 13.09 4.81 0.08
C CYS B 19 11.58 4.94 0.18
N ARG B 20 10.96 5.60 -0.81
CA ARG B 20 9.51 5.68 -0.86
C ARG B 20 8.91 4.30 -0.95
N SER B 21 9.52 3.45 -1.78
CA SER B 21 9.01 2.11 -1.98
C SER B 21 9.02 1.29 -0.70
N LYS B 22 10.08 1.46 0.08
CA LYS B 22 10.22 0.82 1.39
C LYS B 22 9.15 1.27 2.38
N ALA B 23 8.97 2.55 2.54
CA ALA B 23 7.93 3.09 3.39
C ALA B 23 6.53 2.55 3.03
N MET B 24 6.19 2.64 1.74
CA MET B 24 4.91 2.20 1.27
C MET B 24 4.71 0.72 1.51
N ALA B 25 5.73 -0.10 1.27
CA ALA B 25 5.62 -1.53 1.49
C ALA B 25 5.41 -1.88 2.96
N LEU B 26 6.18 -1.26 3.84
CA LEU B 26 6.04 -1.47 5.28
C LEU B 26 4.64 -1.08 5.74
N VAL B 27 4.18 0.08 5.33
CA VAL B 27 2.86 0.47 5.78
C VAL B 27 1.78 -0.46 5.22
N ALA B 28 1.90 -0.78 3.93
CA ALA B 28 0.91 -1.65 3.27
C ALA B 28 0.84 -3.02 3.90
N SER B 29 1.96 -3.45 4.49
CA SER B 29 2.06 -4.77 5.12
C SER B 29 1.44 -4.82 6.50
N THR B 30 1.05 -3.69 7.06
CA THR B 30 0.58 -3.62 8.46
C THR B 30 -0.82 -4.19 8.63
N GLY B 31 -1.07 -4.86 9.75
CA GLY B 31 -2.39 -5.47 9.96
C GLY B 31 -3.48 -4.41 10.13
N GLY B 32 -4.64 -4.66 9.55
CA GLY B 32 -5.73 -3.73 9.56
C GLY B 32 -5.76 -2.73 8.41
N VAL B 33 -4.68 -2.64 7.64
CA VAL B 33 -4.64 -1.67 6.50
C VAL B 33 -5.69 -1.90 5.44
N ASP B 34 -6.38 -0.86 5.08
CA ASP B 34 -7.33 -0.93 3.97
C ASP B 34 -6.76 -0.22 2.66
N SER B 35 -6.19 0.96 2.83
CA SER B 35 -5.51 1.69 1.76
C SER B 35 -4.31 2.45 2.22
N VAL B 36 -3.40 2.67 1.29
CA VAL B 36 -2.20 3.41 1.50
C VAL B 36 -1.97 4.25 0.29
N ALA B 37 -1.61 5.52 0.49
CA ALA B 37 -1.40 6.49 -0.59
C ALA B 37 -0.28 7.43 -0.25
N LEU B 38 0.52 7.74 -1.25
CA LEU B 38 1.52 8.80 -1.15
C LEU B 38 0.83 10.11 -1.45
N VAL B 39 1.00 11.13 -0.60
CA VAL B 39 0.30 12.40 -0.82
C VAL B 39 1.26 13.57 -0.62
N GLY B 40 0.76 14.76 -0.93
CA GLY B 40 1.55 16.00 -0.87
C GLY B 40 2.27 16.24 -2.18
N ASP B 41 2.51 17.52 -2.48
CA ASP B 41 3.24 17.88 -3.70
C ASP B 41 4.57 17.13 -3.78
N LEU B 42 5.31 17.11 -2.68
CA LEU B 42 6.58 16.43 -2.62
C LEU B 42 6.50 14.90 -2.47
N ARG B 43 5.33 14.27 -2.57
CA ARG B 43 5.21 12.87 -2.16
C ARG B 43 6.07 12.53 -0.89
N ASP B 44 5.99 13.38 0.15
CA ASP B 44 6.73 13.14 1.41
C ASP B 44 5.86 12.61 2.57
N LYS B 45 4.58 12.38 2.29
CA LYS B 45 3.64 11.86 3.25
C LYS B 45 2.89 10.59 2.76
N ILE B 46 2.47 9.78 3.73
CA ILE B 46 1.66 8.60 3.51
C ILE B 46 0.38 8.72 4.27
N GLU B 47 -0.72 8.61 3.53
CA GLU B 47 -2.02 8.52 4.09
C GLU B 47 -2.45 7.08 4.16
N VAL B 48 -2.81 6.64 5.36
CA VAL B 48 -3.27 5.27 5.59
C VAL B 48 -4.66 5.21 6.18
N VAL B 49 -5.51 4.34 5.61
CA VAL B 49 -6.87 4.11 6.11
C VAL B 49 -6.93 2.66 6.52
N GLY B 50 -7.43 2.41 7.73
CA GLY B 50 -7.57 1.01 8.17
C GLY B 50 -8.40 0.85 9.41
N TYR B 51 -8.46 -0.39 9.87
CA TYR B 51 -9.35 -0.76 10.98
C TYR B 51 -8.45 -1.39 12.03
N GLY B 52 -8.41 -0.79 13.21
CA GLY B 52 -7.60 -1.36 14.28
C GLY B 52 -6.10 -1.23 14.07
N ILE B 53 -5.67 -0.18 13.38
CA ILE B 53 -4.26 0.05 13.21
C ILE B 53 -3.78 0.82 14.44
N ASP B 54 -2.67 0.43 15.02
CA ASP B 54 -2.10 1.27 16.10
C ASP B 54 -0.98 2.18 15.50
N PRO B 55 -1.28 3.46 15.42
CA PRO B 55 -0.32 4.42 14.85
C PRO B 55 1.00 4.48 15.63
N ILE B 56 0.98 4.15 16.91
CA ILE B 56 2.18 4.07 17.75
C ILE B 56 3.16 3.01 17.26
N LYS B 57 2.65 1.80 17.06
CA LYS B 57 3.47 0.74 16.46
C LYS B 57 3.88 1.03 15.05
N LEU B 58 2.98 1.55 14.24
CA LEU B 58 3.34 1.82 12.92
C LEU B 58 4.52 2.84 12.86
N ILE B 59 4.38 3.93 13.60
CA ILE B 59 5.41 4.97 13.64
C ILE B 59 6.73 4.43 14.11
N SER B 60 6.70 3.63 15.15
CA SER B 60 7.95 3.06 15.66
C SER B 60 8.56 2.13 14.65
N ALA B 61 7.76 1.33 13.95
CA ALA B 61 8.32 0.45 12.92
C ALA B 61 8.94 1.29 11.81
N LEU B 62 8.24 2.32 11.36
CA LEU B 62 8.86 3.22 10.40
C LEU B 62 10.17 3.83 10.86
N ARG B 63 10.27 4.31 12.10
CA ARG B 63 11.51 4.97 12.51
C ARG B 63 12.63 3.95 12.63
N LYS B 64 12.29 2.71 12.96
CA LYS B 64 13.25 1.66 13.09
C LYS B 64 13.81 1.19 11.75
N LYS B 65 12.99 1.20 10.71
CA LYS B 65 13.31 0.51 9.47
C LYS B 65 13.42 1.39 8.24
N VAL B 66 12.93 2.63 8.27
CA VAL B 66 12.93 3.47 7.06
C VAL B 66 13.54 4.84 7.27
N GLY B 67 13.06 5.54 8.29
CA GLY B 67 13.62 6.83 8.60
C GLY B 67 12.73 7.60 9.53
N ASP B 68 13.13 8.80 9.86
CA ASP B 68 12.33 9.56 10.76
C ASP B 68 10.88 9.73 10.27
N ALA B 69 9.93 9.68 11.20
CA ALA B 69 8.54 9.63 10.83
C ALA B 69 7.71 10.32 11.91
N GLU B 70 6.66 11.04 11.49
CA GLU B 70 5.85 11.75 12.47
C GLU B 70 4.42 11.80 12.07
N LEU B 71 3.55 11.72 13.08
CA LEU B 71 2.13 11.73 12.82
C LEU B 71 1.70 13.13 12.57
N LEU B 72 1.04 13.41 11.45
CA LEU B 72 0.56 14.75 11.21
C LEU B 72 -0.94 14.86 11.41
N GLN B 73 -1.69 13.83 11.04
CA GLN B 73 -3.13 13.82 11.23
C GLN B 73 -3.64 12.47 11.61
N VAL B 74 -4.67 12.49 12.43
CA VAL B 74 -5.38 11.26 12.71
C VAL B 74 -6.82 11.66 12.87
N SER B 75 -7.67 10.91 12.21
CA SER B 75 -9.09 11.12 12.45
C SER B 75 -9.86 9.84 12.19
#